data_6GYY
#
_entry.id   6GYY
#
_cell.length_a   44.862
_cell.length_b   79.773
_cell.length_c   98.812
_cell.angle_alpha   90.000
_cell.angle_beta   90.000
_cell.angle_gamma   90.000
#
_symmetry.space_group_name_H-M   'P 21 21 21'
#
_entity_poly.entity_id   1
_entity_poly.type   'polypeptide(L)'
_entity_poly.pdbx_seq_one_letter_code
;GSHMASFLKRYTSNTYSKDEEKLIQSVSKAVQYMAKRRIGALIVFEKETGLQDYIETGIAMDSNISQELLICVFIPNCPL
HDGAMIIQGTKIAAAASYLPLSDSPKISKSLGTRHRAAVGISEVSDAFTVIVSEETGDISVTFDGKLRRDISNEIFEELL
AEHWFGTRFQKKGVK
;
_entity_poly.pdbx_strand_id   A,B
#
# COMPACT_ATOMS: atom_id res chain seq x y z
N TYR A 16 -3.02 28.18 2.15
CA TYR A 16 -2.85 26.74 2.33
C TYR A 16 -1.45 26.37 2.83
N SER A 17 -1.47 25.44 3.76
CA SER A 17 -0.24 25.02 4.44
C SER A 17 0.70 24.48 3.38
N LYS A 18 1.99 24.48 3.64
CA LYS A 18 2.84 23.88 2.60
C LYS A 18 2.48 22.40 2.52
N ASP A 19 2.31 21.71 3.64
CA ASP A 19 2.02 20.27 3.60
C ASP A 19 0.72 20.02 2.85
N GLU A 20 -0.32 20.77 3.17
CA GLU A 20 -1.63 20.58 2.51
C GLU A 20 -1.39 20.60 1.00
N GLU A 21 -0.56 21.49 0.50
CA GLU A 21 -0.26 21.47 -0.96
C GLU A 21 0.49 20.19 -1.32
N LYS A 22 1.35 19.70 -0.45
CA LYS A 22 2.10 18.48 -0.81
C LYS A 22 1.10 17.35 -0.97
N LEU A 23 0.13 17.28 -0.09
CA LEU A 23 -0.85 16.20 -0.23
C LEU A 23 -1.61 16.30 -1.54
N ILE A 24 -2.05 17.52 -1.90
CA ILE A 24 -2.84 17.69 -3.12
C ILE A 24 -2.05 17.27 -4.35
N GLN A 25 -0.76 17.65 -4.42
CA GLN A 25 0.04 17.20 -5.56
C GLN A 25 0.24 15.69 -5.53
N SER A 26 0.45 15.11 -4.34
CA SER A 26 0.49 13.65 -4.24
C SER A 26 -0.76 13.02 -4.82
N VAL A 27 -1.93 13.42 -4.33
CA VAL A 27 -3.19 12.86 -4.83
C VAL A 27 -3.38 13.21 -6.31
N SER A 28 -3.10 14.45 -6.68
CA SER A 28 -3.29 14.86 -8.07
C SER A 28 -2.38 14.08 -9.01
N LYS A 29 -1.10 13.92 -8.65
CA LYS A 29 -0.17 13.20 -9.51
C LYS A 29 -0.59 11.74 -9.66
N ALA A 30 -1.10 11.15 -8.57
CA ALA A 30 -1.54 9.76 -8.63
C ALA A 30 -2.72 9.59 -9.59
N VAL A 31 -3.68 10.52 -9.52
CA VAL A 31 -4.85 10.46 -10.39
C VAL A 31 -4.45 10.61 -11.85
N GLN A 32 -3.51 11.52 -12.14
CA GLN A 32 -3.07 11.70 -13.52
C GLN A 32 -2.36 10.46 -14.05
N TYR A 33 -1.56 9.80 -13.22
CA TYR A 33 -0.91 8.58 -13.67
C TYR A 33 -1.95 7.53 -14.04
N MET A 34 -2.94 7.34 -13.17
CA MET A 34 -3.98 6.36 -13.44
C MET A 34 -4.86 6.79 -14.60
N ALA A 35 -5.09 8.09 -14.76
CA ALA A 35 -5.88 8.55 -15.89
C ALA A 35 -5.26 8.10 -17.21
N LYS A 36 -3.97 8.37 -17.41
CA LYS A 36 -3.35 8.07 -18.70
C LYS A 36 -3.27 6.58 -18.98
N ARG A 37 -3.10 5.75 -17.95
CA ARG A 37 -2.98 4.32 -18.16
C ARG A 37 -4.31 3.58 -18.05
N ARG A 38 -5.42 4.31 -18.01
CA ARG A 38 -6.75 3.71 -17.88
C ARG A 38 -6.84 2.72 -16.73
N ILE A 39 -6.31 3.13 -15.58
CA ILE A 39 -6.45 2.36 -14.36
C ILE A 39 -7.64 2.93 -13.61
N GLY A 40 -8.67 2.10 -13.41
CA GLY A 40 -9.82 2.54 -12.65
C GLY A 40 -9.42 2.85 -11.22
N ALA A 41 -10.00 3.91 -10.67
CA ALA A 41 -9.67 4.33 -9.32
C ALA A 41 -10.90 5.01 -8.73
N LEU A 42 -11.03 4.89 -7.41
CA LEU A 42 -12.19 5.43 -6.71
C LEU A 42 -11.77 5.75 -5.28
N ILE A 43 -11.70 7.04 -4.95
CA ILE A 43 -11.19 7.51 -3.67
C ILE A 43 -12.21 8.43 -3.01
N VAL A 44 -12.60 8.12 -1.77
CA VAL A 44 -13.61 8.86 -1.03
C VAL A 44 -12.92 9.65 0.07
N PHE A 45 -13.24 10.92 0.19
CA PHE A 45 -12.62 11.74 1.26
C PHE A 45 -13.68 12.08 2.28
N GLU A 46 -13.45 11.75 3.54
CA GLU A 46 -14.47 12.01 4.57
C GLU A 46 -14.56 13.50 4.84
N LYS A 47 -15.77 14.00 4.98
CA LYS A 47 -16.00 15.41 5.33
C LYS A 47 -16.65 15.63 6.68
N GLU A 48 -17.96 15.54 6.80
CA GLU A 48 -18.56 15.74 8.14
C GLU A 48 -19.23 14.41 8.47
N THR A 49 -19.93 13.81 7.52
CA THR A 49 -20.57 12.53 7.79
C THR A 49 -19.51 11.49 8.15
N GLY A 50 -19.71 10.79 9.25
CA GLY A 50 -18.81 9.71 9.61
C GLY A 50 -18.95 8.55 8.65
N LEU A 51 -17.82 8.05 8.15
CA LEU A 51 -17.82 6.94 7.20
C LEU A 51 -17.19 5.71 7.79
N GLN A 52 -17.15 5.62 9.12
CA GLN A 52 -16.54 4.46 9.73
C GLN A 52 -17.30 3.19 9.41
N ASP A 53 -18.60 3.30 9.12
CA ASP A 53 -19.36 2.14 8.67
C ASP A 53 -18.78 1.58 7.37
N TYR A 54 -18.43 2.47 6.43
CA TYR A 54 -17.85 2.01 5.16
C TYR A 54 -16.37 1.69 5.27
N ILE A 55 -15.64 2.39 6.14
CA ILE A 55 -14.22 2.10 6.31
C ILE A 55 -14.03 0.66 6.77
N GLU A 56 -14.91 0.19 7.64
CA GLU A 56 -14.82 -1.17 8.15
C GLU A 56 -15.12 -2.21 7.08
N THR A 57 -15.66 -1.79 5.94
CA THR A 57 -15.93 -2.73 4.85
C THR A 57 -14.66 -3.32 4.26
N GLY A 58 -13.57 -2.56 4.29
CA GLY A 58 -12.38 -2.97 3.59
C GLY A 58 -11.24 -3.29 4.51
N ILE A 59 -10.03 -3.35 3.95
CA ILE A 59 -8.84 -3.67 4.73
C ILE A 59 -8.30 -2.39 5.35
N ALA A 60 -8.22 -2.38 6.68
CA ALA A 60 -7.74 -1.21 7.40
C ALA A 60 -6.29 -0.92 7.05
N MET A 61 -6.00 0.35 6.79
CA MET A 61 -4.63 0.79 6.51
C MET A 61 -4.17 1.81 7.52
N ASP A 62 -4.96 2.86 7.78
CA ASP A 62 -4.58 3.97 8.65
C ASP A 62 -3.14 4.40 8.33
N SER A 63 -2.96 4.82 7.08
CA SER A 63 -1.64 5.02 6.48
C SER A 63 -1.46 6.45 5.96
N ASN A 64 -0.20 6.89 5.92
CA ASN A 64 0.15 8.18 5.34
C ASN A 64 -0.01 8.12 3.81
N ILE A 65 -0.09 9.29 3.22
CA ILE A 65 -0.34 9.38 1.82
C ILE A 65 0.82 9.74 0.99
N SER A 66 0.89 9.10 -0.13
CA SER A 66 1.91 9.34 -1.04
C SER A 66 1.37 8.89 -2.32
N GLN A 67 1.93 9.41 -3.36
CA GLN A 67 1.50 9.11 -4.65
C GLN A 67 1.66 7.69 -4.89
N GLU A 68 2.77 7.16 -4.48
CA GLU A 68 3.07 5.80 -4.74
C GLU A 68 2.12 4.86 -4.13
N LEU A 69 1.69 5.11 -2.92
CA LEU A 69 0.76 4.22 -2.28
C LEU A 69 -0.55 4.19 -3.01
N LEU A 70 -1.03 5.33 -3.38
CA LEU A 70 -2.29 5.50 -4.10
C LEU A 70 -2.30 4.70 -5.40
N ILE A 71 -1.22 4.82 -6.13
CA ILE A 71 -1.09 4.07 -7.40
C ILE A 71 -1.00 2.58 -7.11
N CYS A 72 -0.25 2.20 -6.09
CA CYS A 72 -0.03 0.78 -5.80
C CYS A 72 -1.33 0.07 -5.46
N VAL A 73 -2.21 0.75 -4.75
CA VAL A 73 -3.51 0.19 -4.31
C VAL A 73 -4.43 -0.12 -5.47
N PHE A 74 -4.37 0.65 -6.53
CA PHE A 74 -5.29 0.45 -7.64
C PHE A 74 -4.68 -0.31 -8.81
N ILE A 75 -3.50 -0.90 -8.64
CA ILE A 75 -2.93 -1.69 -9.72
C ILE A 75 -3.86 -2.84 -10.06
N PRO A 76 -4.21 -3.09 -11.31
CA PRO A 76 -5.15 -4.16 -11.59
C PRO A 76 -4.55 -5.48 -11.12
N ASN A 77 -5.38 -6.45 -10.73
CA ASN A 77 -4.86 -7.72 -10.16
C ASN A 77 -4.01 -7.42 -8.92
N CYS A 78 -4.53 -6.57 -8.06
CA CYS A 78 -3.91 -6.24 -6.77
C CYS A 78 -4.99 -6.53 -5.75
N PRO A 79 -4.66 -7.03 -4.56
CA PRO A 79 -5.67 -7.39 -3.62
C PRO A 79 -6.52 -6.23 -3.12
N LEU A 80 -6.03 -5.00 -3.22
CA LEU A 80 -6.80 -3.86 -2.73
C LEU A 80 -7.47 -3.01 -3.81
N HIS A 81 -7.37 -3.38 -5.10
CA HIS A 81 -7.94 -2.53 -6.15
C HIS A 81 -9.46 -2.58 -6.21
N ASP A 82 -10.06 -3.70 -5.80
CA ASP A 82 -11.51 -3.89 -5.92
C ASP A 82 -12.17 -3.19 -4.74
N GLY A 83 -12.75 -2.04 -4.99
CA GLY A 83 -13.43 -1.28 -3.96
C GLY A 83 -12.89 0.13 -3.88
N ALA A 84 -13.30 0.82 -2.83
CA ALA A 84 -13.04 2.23 -2.66
C ALA A 84 -11.92 2.43 -1.66
N MET A 85 -11.03 3.37 -1.96
CA MET A 85 -10.10 3.85 -0.96
C MET A 85 -10.77 5.01 -0.23
N ILE A 86 -10.73 4.99 1.10
CA ILE A 86 -11.41 6.00 1.89
C ILE A 86 -10.37 6.73 2.73
N ILE A 87 -10.40 8.06 2.67
CA ILE A 87 -9.38 8.90 3.29
C ILE A 87 -10.03 9.73 4.38
N GLN A 88 -9.44 9.70 5.58
CA GLN A 88 -9.93 10.40 6.75
C GLN A 88 -8.88 11.42 7.14
N GLY A 89 -9.14 12.69 6.84
CA GLY A 89 -8.16 13.70 7.15
C GLY A 89 -6.93 13.52 6.30
N THR A 90 -5.80 13.23 6.94
CA THR A 90 -4.52 13.07 6.27
C THR A 90 -4.06 11.61 6.20
N LYS A 91 -4.98 10.67 6.37
CA LYS A 91 -4.61 9.26 6.44
C LYS A 91 -5.57 8.46 5.57
N ILE A 92 -5.10 7.32 5.06
CA ILE A 92 -5.95 6.41 4.30
C ILE A 92 -6.54 5.45 5.32
N ALA A 93 -7.85 5.56 5.57
CA ALA A 93 -8.43 4.74 6.62
C ALA A 93 -8.53 3.29 6.19
N ALA A 94 -8.89 3.05 4.91
CA ALA A 94 -9.01 1.69 4.38
C ALA A 94 -9.06 1.73 2.86
N ALA A 95 -8.78 0.56 2.26
CA ALA A 95 -8.84 0.33 0.82
C ALA A 95 -9.79 -0.82 0.55
N ALA A 96 -10.22 -0.95 -0.71
CA ALA A 96 -11.16 -2.00 -1.11
C ALA A 96 -12.44 -1.96 -0.27
N SER A 97 -12.98 -0.76 -0.03
CA SER A 97 -14.25 -0.63 0.66
C SER A 97 -15.40 -0.77 -0.31
N TYR A 98 -16.50 -1.31 0.18
CA TYR A 98 -17.74 -1.46 -0.57
C TYR A 98 -18.62 -0.25 -0.25
N LEU A 99 -18.90 0.55 -1.24
CA LEU A 99 -19.85 1.64 -1.07
C LEU A 99 -21.20 1.29 -1.68
N PRO A 100 -22.25 1.99 -1.27
CA PRO A 100 -23.58 1.69 -1.81
C PRO A 100 -23.69 2.17 -3.26
N LEU A 101 -24.31 1.34 -4.08
CA LEU A 101 -24.51 1.67 -5.49
C LEU A 101 -25.82 2.42 -5.63
N SER A 102 -25.85 3.32 -6.60
CA SER A 102 -26.99 4.21 -6.75
C SER A 102 -27.93 3.70 -7.82
N ASP A 103 -29.20 4.07 -7.68
CA ASP A 103 -30.24 3.55 -8.52
C ASP A 103 -30.89 4.62 -9.39
N SER A 104 -30.36 5.86 -9.38
CA SER A 104 -31.05 6.90 -10.13
C SER A 104 -31.09 6.52 -11.60
N PRO A 105 -32.22 6.74 -12.27
CA PRO A 105 -32.33 6.36 -13.68
C PRO A 105 -31.62 7.31 -14.61
N LYS A 106 -31.05 8.41 -14.09
CA LYS A 106 -30.30 9.36 -14.89
C LYS A 106 -28.84 8.98 -15.08
N ILE A 107 -28.34 7.94 -14.40
CA ILE A 107 -27.01 7.46 -14.72
C ILE A 107 -27.10 6.67 -16.03
N SER A 108 -26.10 6.89 -16.88
CA SER A 108 -26.16 6.48 -18.29
C SER A 108 -26.52 5.00 -18.51
N LYS A 109 -26.00 4.08 -17.68
CA LYS A 109 -25.95 2.62 -17.86
C LYS A 109 -24.84 2.27 -18.84
N SER A 110 -24.22 3.25 -19.49
CA SER A 110 -22.95 3.10 -20.15
C SER A 110 -21.82 3.52 -19.21
N LEU A 111 -22.09 3.49 -17.90
CA LEU A 111 -21.20 4.00 -16.88
C LEU A 111 -20.90 2.88 -15.89
N GLY A 112 -19.61 2.80 -15.52
CA GLY A 112 -19.11 1.74 -14.68
C GLY A 112 -19.69 1.73 -13.29
N THR A 113 -19.53 0.57 -12.64
CA THR A 113 -19.95 0.39 -11.25
C THR A 113 -19.30 1.44 -10.34
N ARG A 114 -18.03 1.78 -10.58
CA ARG A 114 -17.36 2.82 -9.81
C ARG A 114 -18.16 4.11 -9.79
N HIS A 115 -18.69 4.50 -10.95
CA HIS A 115 -19.47 5.72 -11.06
C HIS A 115 -20.78 5.60 -10.27
N ARG A 116 -21.46 4.45 -10.35
CA ARG A 116 -22.72 4.32 -9.61
C ARG A 116 -22.45 4.26 -8.12
N ALA A 117 -21.26 3.80 -7.73
CA ALA A 117 -20.86 3.79 -6.33
C ALA A 117 -20.59 5.19 -5.81
N ALA A 118 -19.95 6.03 -6.62
CA ALA A 118 -19.58 7.36 -6.16
C ALA A 118 -20.79 8.28 -6.05
N VAL A 119 -21.74 8.20 -7.00
CA VAL A 119 -22.97 8.96 -6.81
C VAL A 119 -23.79 8.30 -5.71
N GLY A 120 -23.69 6.98 -5.54
CA GLY A 120 -24.30 6.30 -4.41
C GLY A 120 -23.86 6.86 -3.06
N ILE A 121 -22.54 6.89 -2.82
CA ILE A 121 -22.02 7.47 -1.58
C ILE A 121 -22.31 8.97 -1.54
N SER A 122 -22.45 9.61 -2.70
CA SER A 122 -22.80 11.01 -2.75
C SER A 122 -24.23 11.26 -2.25
N GLU A 123 -25.12 10.28 -2.42
CA GLU A 123 -26.51 10.44 -2.01
C GLU A 123 -26.69 10.28 -0.49
N VAL A 124 -25.93 9.39 0.13
CA VAL A 124 -26.10 9.07 1.55
C VAL A 124 -25.11 9.81 2.45
N SER A 125 -24.26 10.69 1.91
CA SER A 125 -23.36 11.45 2.77
C SER A 125 -22.84 12.68 2.03
N ASP A 126 -22.12 13.52 2.78
CA ASP A 126 -21.53 14.74 2.23
C ASP A 126 -20.14 14.49 1.69
N ALA A 127 -19.70 13.23 1.64
CA ALA A 127 -18.33 12.89 1.27
C ALA A 127 -18.00 13.40 -0.13
N PHE A 128 -16.72 13.63 -0.36
CA PHE A 128 -16.20 14.09 -1.64
C PHE A 128 -15.45 12.93 -2.31
N THR A 129 -15.86 12.56 -3.49
CA THR A 129 -15.27 11.37 -4.13
C THR A 129 -14.75 11.65 -5.53
N VAL A 130 -13.57 11.16 -5.85
CA VAL A 130 -12.99 11.34 -7.20
C VAL A 130 -13.01 9.98 -7.86
N ILE A 131 -13.36 9.88 -9.13
CA ILE A 131 -13.39 8.59 -9.85
C ILE A 131 -12.54 8.71 -11.09
N VAL A 132 -11.81 7.68 -11.46
CA VAL A 132 -11.08 7.74 -12.74
C VAL A 132 -11.68 6.64 -13.57
N SER A 133 -12.17 6.95 -14.76
CA SER A 133 -12.88 5.93 -15.52
C SER A 133 -11.86 5.00 -16.14
N GLU A 134 -12.03 3.69 -15.89
CA GLU A 134 -11.10 2.72 -16.43
C GLU A 134 -11.21 2.68 -17.94
N GLU A 135 -12.38 2.97 -18.49
CA GLU A 135 -12.57 2.88 -19.94
C GLU A 135 -12.26 4.18 -20.69
N THR A 136 -12.47 5.36 -20.09
CA THR A 136 -12.24 6.62 -20.78
C THR A 136 -10.97 7.34 -20.34
N GLY A 137 -10.58 7.21 -19.08
CA GLY A 137 -9.53 8.01 -18.53
C GLY A 137 -9.98 9.38 -18.05
N ASP A 138 -11.28 9.60 -18.01
CA ASP A 138 -11.78 10.89 -17.57
C ASP A 138 -11.79 10.95 -16.06
N ILE A 139 -11.67 12.17 -15.54
CA ILE A 139 -11.61 12.41 -14.12
C ILE A 139 -12.98 12.94 -13.74
N SER A 140 -13.64 12.28 -12.79
CA SER A 140 -14.96 12.69 -12.35
C SER A 140 -14.95 12.89 -10.85
N VAL A 141 -15.91 13.67 -10.37
CA VAL A 141 -16.04 14.07 -8.97
C VAL A 141 -17.52 14.04 -8.57
N THR A 142 -17.81 13.62 -7.33
CA THR A 142 -19.19 13.60 -6.84
C THR A 142 -19.25 14.17 -5.44
N PHE A 143 -20.29 14.94 -5.18
CA PHE A 143 -20.60 15.40 -3.84
C PHE A 143 -22.03 15.93 -3.82
N ASP A 144 -22.69 15.73 -2.69
CA ASP A 144 -24.06 16.22 -2.47
C ASP A 144 -25.02 15.75 -3.56
N GLY A 145 -24.90 14.48 -3.95
CA GLY A 145 -25.80 13.95 -4.95
C GLY A 145 -25.53 14.45 -6.35
N LYS A 146 -24.55 15.33 -6.52
CA LYS A 146 -24.26 15.97 -7.79
C LYS A 146 -22.97 15.40 -8.38
N LEU A 147 -22.91 15.37 -9.71
CA LEU A 147 -21.80 14.79 -10.47
C LEU A 147 -21.18 15.83 -11.38
N ARG A 148 -19.85 15.89 -11.42
CA ARG A 148 -19.10 16.66 -12.40
C ARG A 148 -18.15 15.73 -13.13
N ARG A 149 -18.18 15.76 -14.47
CA ARG A 149 -17.54 14.77 -15.31
C ARG A 149 -16.44 15.40 -16.17
N ASP A 150 -15.42 14.60 -16.47
CA ASP A 150 -14.30 14.97 -17.34
C ASP A 150 -13.76 16.35 -17.00
N ILE A 151 -13.35 16.50 -15.76
CA ILE A 151 -12.71 17.75 -15.40
C ILE A 151 -11.24 17.69 -15.75
N SER A 152 -10.68 18.87 -15.98
CA SER A 152 -9.26 19.04 -16.19
C SER A 152 -8.51 18.89 -14.87
N ASN A 153 -7.19 18.72 -14.96
CA ASN A 153 -6.38 18.56 -13.75
C ASN A 153 -6.43 19.81 -12.88
N GLU A 154 -6.40 20.98 -13.50
CA GLU A 154 -6.48 22.23 -12.76
C GLU A 154 -7.77 22.30 -11.93
N ILE A 155 -8.91 21.92 -12.52
CA ILE A 155 -10.18 21.95 -11.79
C ILE A 155 -10.19 20.90 -10.68
N PHE A 156 -9.59 19.73 -10.92
CA PHE A 156 -9.59 18.73 -9.86
C PHE A 156 -8.81 19.22 -8.63
N GLU A 157 -7.64 19.81 -8.85
CA GLU A 157 -6.87 20.34 -7.72
C GLU A 157 -7.65 21.45 -7.04
N GLU A 158 -8.33 22.29 -7.83
CA GLU A 158 -9.17 23.34 -7.27
C GLU A 158 -10.25 22.74 -6.36
N LEU A 159 -10.96 21.71 -6.85
CA LEU A 159 -12.09 21.15 -6.09
C LEU A 159 -11.62 20.29 -4.92
N LEU A 160 -10.54 19.52 -5.12
CA LEU A 160 -10.00 18.72 -4.03
C LEU A 160 -9.67 19.59 -2.82
N ALA A 161 -9.01 20.74 -3.05
CA ALA A 161 -8.62 21.61 -1.96
C ALA A 161 -9.82 22.11 -1.15
N GLU A 162 -10.87 22.61 -1.84
CA GLU A 162 -12.04 23.12 -1.13
C GLU A 162 -12.64 22.08 -0.19
N HIS A 163 -12.90 20.88 -0.71
CA HIS A 163 -13.64 19.88 0.03
C HIS A 163 -12.77 19.19 1.09
N TRP A 164 -11.47 19.04 0.83
CA TRP A 164 -10.56 18.38 1.77
C TRP A 164 -10.16 19.32 2.91
N PHE A 165 -9.79 20.56 2.57
CA PHE A 165 -9.22 21.53 3.51
C PHE A 165 -10.04 22.83 3.52
N SER B 17 0.02 -14.52 21.58
CA SER B 17 -0.65 -13.36 22.20
C SER B 17 -1.83 -12.87 21.38
N LYS B 18 -2.45 -13.70 20.55
CA LYS B 18 -3.69 -13.32 19.81
C LYS B 18 -3.47 -12.19 18.79
N ASP B 19 -3.20 -10.97 19.20
CA ASP B 19 -2.91 -9.92 18.20
C ASP B 19 -1.63 -10.30 17.47
N GLU B 20 -0.63 -10.76 18.20
CA GLU B 20 0.64 -11.13 17.55
C GLU B 20 0.44 -12.34 16.65
N GLU B 21 -0.32 -13.34 17.08
CA GLU B 21 -0.49 -14.50 16.21
C GLU B 21 -1.21 -14.17 14.93
N LYS B 22 -2.04 -13.11 14.92
CA LYS B 22 -2.65 -12.70 13.66
C LYS B 22 -1.69 -11.88 12.80
N LEU B 23 -0.81 -11.09 13.41
CA LEU B 23 0.22 -10.41 12.63
C LEU B 23 1.18 -11.40 12.02
N ILE B 24 1.60 -12.38 12.80
CA ILE B 24 2.50 -13.41 12.29
C ILE B 24 1.84 -14.14 11.14
N GLN B 25 0.53 -14.42 11.26
CA GLN B 25 -0.19 -15.07 10.18
C GLN B 25 -0.30 -14.16 8.96
N SER B 26 -0.57 -12.87 9.18
CA SER B 26 -0.56 -11.88 8.10
C SER B 26 0.75 -11.94 7.33
N VAL B 27 1.86 -11.76 8.05
CA VAL B 27 3.18 -11.75 7.41
C VAL B 27 3.46 -13.10 6.76
N SER B 28 3.21 -14.19 7.50
CA SER B 28 3.54 -15.51 6.99
C SER B 28 2.75 -15.85 5.74
N LYS B 29 1.43 -15.60 5.76
CA LYS B 29 0.61 -15.95 4.60
C LYS B 29 1.01 -15.14 3.38
N ALA B 30 1.35 -13.87 3.57
CA ALA B 30 1.78 -13.07 2.42
C ALA B 30 3.09 -13.61 1.84
N VAL B 31 4.06 -13.93 2.71
CA VAL B 31 5.36 -14.43 2.28
C VAL B 31 5.19 -15.73 1.50
N GLN B 32 4.31 -16.63 1.95
CA GLN B 32 4.11 -17.85 1.20
C GLN B 32 3.45 -17.60 -0.14
N TYR B 33 2.48 -16.68 -0.18
CA TYR B 33 1.82 -16.35 -1.43
C TYR B 33 2.82 -15.80 -2.43
N MET B 34 3.68 -14.87 -1.99
CA MET B 34 4.69 -14.33 -2.89
C MET B 34 5.69 -15.41 -3.28
N ALA B 35 5.99 -16.32 -2.36
CA ALA B 35 6.91 -17.43 -2.65
C ALA B 35 6.38 -18.29 -3.79
N LYS B 36 5.11 -18.70 -3.73
CA LYS B 36 4.58 -19.60 -4.74
C LYS B 36 4.55 -18.95 -6.11
N ARG B 37 4.33 -17.64 -6.17
CA ARG B 37 4.31 -16.91 -7.44
C ARG B 37 5.66 -16.31 -7.80
N ARG B 38 6.74 -16.69 -7.10
CA ARG B 38 8.09 -16.21 -7.39
C ARG B 38 8.13 -14.68 -7.49
N ILE B 39 7.46 -14.03 -6.53
CA ILE B 39 7.47 -12.57 -6.42
C ILE B 39 8.57 -12.19 -5.43
N GLY B 40 9.52 -11.39 -5.89
CA GLY B 40 10.61 -10.96 -5.02
C GLY B 40 10.12 -10.09 -3.88
N ALA B 41 10.68 -10.32 -2.70
CA ALA B 41 10.26 -9.57 -1.53
C ALA B 41 11.42 -9.48 -0.56
N LEU B 42 11.45 -8.37 0.17
CA LEU B 42 12.53 -8.10 1.12
C LEU B 42 11.92 -7.24 2.22
N ILE B 43 11.81 -7.81 3.43
CA ILE B 43 11.14 -7.19 4.57
C ILE B 43 12.07 -7.28 5.78
N VAL B 44 12.33 -6.14 6.40
CA VAL B 44 13.22 -6.13 7.58
C VAL B 44 12.42 -5.64 8.77
N PHE B 45 12.50 -6.36 9.88
CA PHE B 45 11.79 -5.94 11.10
C PHE B 45 12.84 -5.45 12.06
N GLU B 46 12.69 -4.23 12.55
CA GLU B 46 13.69 -3.63 13.45
C GLU B 46 13.50 -4.18 14.85
N LYS B 47 14.58 -4.29 15.63
CA LYS B 47 14.46 -4.73 17.03
C LYS B 47 14.99 -3.66 17.99
N GLU B 48 16.29 -3.71 18.24
CA GLU B 48 17.00 -2.79 19.09
C GLU B 48 17.64 -1.64 18.34
N THR B 49 18.20 -1.91 17.18
CA THR B 49 18.86 -0.90 16.42
C THR B 49 17.95 -0.06 15.57
N GLY B 50 17.84 1.21 15.86
CA GLY B 50 17.00 2.10 15.10
C GLY B 50 17.43 2.19 13.67
N LEU B 51 16.49 2.25 12.75
CA LEU B 51 16.83 2.32 11.35
C LEU B 51 16.28 3.55 10.73
N GLN B 52 15.68 4.36 11.55
CA GLN B 52 15.10 5.58 11.02
C GLN B 52 16.01 6.18 9.97
N ASP B 53 17.31 5.85 10.01
CA ASP B 53 18.21 6.26 8.94
C ASP B 53 17.76 5.67 7.59
N TYR B 54 17.42 4.37 7.58
CA TYR B 54 16.99 3.71 6.35
C TYR B 54 15.51 3.95 6.06
N ILE B 55 14.70 4.09 7.11
CA ILE B 55 13.28 4.41 6.93
C ILE B 55 13.12 5.71 6.17
N GLU B 56 13.96 6.70 6.45
CA GLU B 56 13.88 7.96 5.71
C GLU B 56 14.34 7.83 4.27
N THR B 57 15.04 6.75 3.92
CA THR B 57 15.43 6.53 2.54
C THR B 57 14.24 6.27 1.63
N GLY B 58 13.16 5.68 2.16
CA GLY B 58 12.06 5.22 1.36
C GLY B 58 10.82 6.06 1.52
N ILE B 59 9.70 5.51 1.06
CA ILE B 59 8.42 6.21 1.07
C ILE B 59 7.74 5.99 2.41
N ALA B 60 7.49 7.07 3.15
CA ALA B 60 6.84 6.94 4.46
C ALA B 60 5.42 6.40 4.32
N MET B 61 5.09 5.41 5.13
CA MET B 61 3.77 4.78 5.15
C MET B 61 3.12 4.92 6.51
N ASP B 62 3.80 4.50 7.58
CA ASP B 62 3.24 4.36 8.92
C ASP B 62 1.86 3.71 8.82
N SER B 63 1.86 2.47 8.36
CA SER B 63 0.64 1.78 7.96
C SER B 63 0.44 0.50 8.77
N ASN B 64 -0.83 0.16 8.99
CA ASN B 64 -1.10 -1.11 9.66
C ASN B 64 -0.73 -2.24 8.74
N ILE B 65 -0.50 -3.40 9.33
CA ILE B 65 -0.05 -4.55 8.58
C ILE B 65 -1.27 -5.41 8.27
N SER B 66 -1.31 -5.89 7.03
CA SER B 66 -2.34 -6.79 6.55
C SER B 66 -1.71 -7.64 5.46
N GLN B 67 -2.29 -8.82 5.26
CA GLN B 67 -1.85 -9.69 4.19
C GLN B 67 -1.94 -8.99 2.84
N GLU B 68 -3.07 -8.35 2.57
CA GLU B 68 -3.25 -7.78 1.24
C GLU B 68 -2.26 -6.65 0.99
N LEU B 69 -1.99 -5.82 2.01
CA LEU B 69 -1.12 -4.68 1.79
C LEU B 69 0.34 -5.09 1.57
N LEU B 70 0.81 -6.10 2.31
CA LEU B 70 2.15 -6.60 2.05
C LEU B 70 2.27 -7.07 0.61
N ILE B 71 1.31 -7.84 0.16
CA ILE B 71 1.37 -8.37 -1.23
C ILE B 71 1.32 -7.24 -2.23
N CYS B 72 0.47 -6.25 -2.01
CA CYS B 72 0.33 -5.17 -3.00
C CYS B 72 1.65 -4.42 -3.16
N VAL B 73 2.37 -4.20 -2.08
CA VAL B 73 3.65 -3.46 -2.15
C VAL B 73 4.64 -4.15 -3.06
N PHE B 74 4.68 -5.47 -3.08
CA PHE B 74 5.70 -6.16 -3.85
C PHE B 74 5.19 -6.71 -5.20
N ILE B 75 3.98 -6.35 -5.64
CA ILE B 75 3.60 -6.81 -6.98
C ILE B 75 4.62 -6.26 -7.96
N PRO B 76 5.12 -7.04 -8.92
CA PRO B 76 6.22 -6.54 -9.76
C PRO B 76 5.89 -5.27 -10.53
N ASN B 77 6.77 -4.29 -10.51
CA ASN B 77 6.43 -3.11 -11.32
C ASN B 77 5.57 -2.16 -10.50
N CYS B 78 5.25 -2.53 -9.27
CA CYS B 78 4.54 -1.57 -8.39
C CYS B 78 5.58 -0.52 -8.04
N PRO B 79 5.23 0.76 -7.86
CA PRO B 79 6.21 1.76 -7.57
C PRO B 79 6.98 1.50 -6.28
N LEU B 80 6.48 0.62 -5.42
CA LEU B 80 7.19 0.31 -4.18
C LEU B 80 7.88 -1.06 -4.15
N HIS B 81 7.82 -1.86 -5.21
CA HIS B 81 8.39 -3.21 -5.15
C HIS B 81 9.91 -3.16 -5.10
N ASP B 82 10.50 -2.11 -5.65
CA ASP B 82 11.95 -2.00 -5.73
C ASP B 82 12.47 -1.47 -4.40
N GLY B 83 13.05 -2.35 -3.60
CA GLY B 83 13.66 -1.96 -2.34
C GLY B 83 13.09 -2.73 -1.16
N ALA B 84 13.42 -2.23 0.03
CA ALA B 84 13.14 -2.91 1.28
C ALA B 84 11.93 -2.29 1.96
N MET B 85 11.05 -3.15 2.46
CA MET B 85 10.00 -2.71 3.37
C MET B 85 10.51 -2.85 4.80
N ILE B 86 10.31 -1.81 5.60
CA ILE B 86 10.81 -1.79 6.97
C ILE B 86 9.62 -1.69 7.90
N ILE B 87 9.61 -2.53 8.93
CA ILE B 87 8.50 -2.67 9.87
C ILE B 87 8.99 -2.31 11.26
N GLN B 88 8.26 -1.41 11.94
CA GLN B 88 8.56 -0.93 13.28
C GLN B 88 7.41 -1.29 14.21
N GLY B 89 7.63 -2.24 15.11
CA GLY B 89 6.57 -2.62 16.01
C GLY B 89 5.44 -3.31 15.27
N THR B 90 4.25 -2.71 15.27
CA THR B 90 3.10 -3.27 14.55
C THR B 90 2.76 -2.46 13.29
N LYS B 91 3.68 -1.65 12.78
CA LYS B 91 3.37 -0.79 11.66
C LYS B 91 4.47 -0.87 10.60
N ILE B 92 4.10 -0.58 9.35
CA ILE B 92 5.06 -0.52 8.25
C ILE B 92 5.56 0.93 8.20
N ALA B 93 6.82 1.14 8.58
CA ALA B 93 7.33 2.51 8.64
C ALA B 93 7.61 3.03 7.23
N ALA B 94 8.11 2.17 6.34
CA ALA B 94 8.39 2.60 4.98
C ALA B 94 8.52 1.40 4.06
N ALA B 95 8.33 1.67 2.76
CA ALA B 95 8.57 0.71 1.70
C ALA B 95 9.55 1.33 0.71
N ALA B 96 10.15 0.48 -0.12
CA ALA B 96 11.15 0.91 -1.11
C ALA B 96 12.32 1.63 -0.46
N SER B 97 12.81 1.12 0.66
CA SER B 97 14.00 1.66 1.30
C SER B 97 15.28 1.05 0.74
N TYR B 98 16.34 1.84 0.77
CA TYR B 98 17.68 1.43 0.34
C TYR B 98 18.44 0.88 1.55
N LEU B 99 18.78 -0.40 1.52
CA LEU B 99 19.70 -0.92 2.52
C LEU B 99 21.10 -1.05 1.91
N PRO B 100 22.14 -1.09 2.74
CA PRO B 100 23.51 -1.22 2.21
C PRO B 100 23.78 -2.64 1.73
N LEU B 101 24.44 -2.74 0.58
CA LEU B 101 24.75 -4.05 0.01
C LEU B 101 26.06 -4.56 0.62
N SER B 102 26.16 -5.87 0.79
CA SER B 102 27.33 -6.37 1.49
C SER B 102 28.33 -6.98 0.50
N ASP B 103 29.57 -7.04 0.96
CA ASP B 103 30.72 -7.37 0.15
C ASP B 103 31.38 -8.68 0.57
N SER B 104 30.71 -9.46 1.41
CA SER B 104 31.27 -10.71 1.89
C SER B 104 31.55 -11.66 0.73
N PRO B 105 32.68 -12.38 0.75
CA PRO B 105 33.02 -13.27 -0.38
C PRO B 105 32.33 -14.62 -0.35
N LYS B 106 31.61 -14.98 0.71
CA LYS B 106 30.86 -16.23 0.72
C LYS B 106 29.47 -16.10 0.11
N ILE B 107 29.06 -14.90 -0.33
CA ILE B 107 27.79 -14.73 -1.02
C ILE B 107 27.86 -15.36 -2.41
N SER B 108 26.78 -16.02 -2.82
CA SER B 108 26.80 -16.86 -4.02
C SER B 108 27.29 -16.10 -5.26
N LYS B 109 26.82 -14.85 -5.44
CA LYS B 109 26.95 -14.07 -6.68
C LYS B 109 26.01 -14.72 -7.69
N SER B 110 25.45 -15.89 -7.28
CA SER B 110 24.38 -16.68 -7.88
C SER B 110 22.99 -16.33 -7.38
N LEU B 111 22.85 -15.21 -6.72
CA LEU B 111 21.60 -14.84 -6.10
C LEU B 111 21.25 -13.39 -6.41
N GLY B 112 19.95 -13.09 -6.50
CA GLY B 112 19.56 -11.72 -6.75
C GLY B 112 20.08 -10.78 -5.67
N THR B 113 20.23 -9.50 -6.03
CA THR B 113 20.74 -8.50 -5.11
C THR B 113 19.93 -8.41 -3.82
N ARG B 114 18.62 -8.71 -3.88
CA ARG B 114 17.82 -8.74 -2.66
C ARG B 114 18.52 -9.51 -1.56
N HIS B 115 19.15 -10.63 -1.91
CA HIS B 115 19.84 -11.44 -0.90
C HIS B 115 20.97 -10.66 -0.25
N ARG B 116 21.76 -9.95 -1.06
CA ARG B 116 22.88 -9.20 -0.50
C ARG B 116 22.44 -7.96 0.25
N ALA B 117 21.25 -7.45 -0.03
CA ALA B 117 20.73 -6.33 0.75
C ALA B 117 20.40 -6.77 2.18
N ALA B 118 19.84 -7.97 2.34
CA ALA B 118 19.48 -8.43 3.68
C ALA B 118 20.72 -8.77 4.48
N VAL B 119 21.74 -9.33 3.82
CA VAL B 119 22.97 -9.60 4.54
C VAL B 119 23.63 -8.29 4.94
N GLY B 120 23.45 -7.24 4.14
CA GLY B 120 23.91 -5.91 4.49
C GLY B 120 23.36 -5.34 5.79
N ILE B 121 22.02 -5.25 5.90
CA ILE B 121 21.41 -4.72 7.11
C ILE B 121 21.66 -5.63 8.30
N SER B 122 21.91 -6.92 8.04
CA SER B 122 22.24 -7.86 9.10
C SER B 122 23.61 -7.56 9.73
N GLU B 123 24.55 -7.04 8.94
CA GLU B 123 25.90 -6.78 9.44
C GLU B 123 25.97 -5.52 10.30
N VAL B 124 25.17 -4.51 9.96
CA VAL B 124 25.25 -3.21 10.64
C VAL B 124 24.24 -3.10 11.77
N SER B 125 23.39 -4.10 11.93
CA SER B 125 22.43 -4.06 13.03
C SER B 125 21.89 -5.46 13.28
N ASP B 126 21.10 -5.55 14.34
CA ASP B 126 20.50 -6.79 14.79
C ASP B 126 19.18 -7.11 14.09
N ALA B 127 18.83 -6.35 13.07
CA ALA B 127 17.50 -6.47 12.46
C ALA B 127 17.27 -7.86 11.90
N PHE B 128 16.01 -8.26 11.83
CA PHE B 128 15.61 -9.55 11.29
C PHE B 128 14.96 -9.34 9.92
N THR B 129 15.55 -9.92 8.88
CA THR B 129 15.12 -9.70 7.50
C THR B 129 14.76 -11.00 6.81
N VAL B 130 13.64 -10.99 6.09
CA VAL B 130 13.14 -12.12 5.32
C VAL B 130 13.21 -11.76 3.85
N ILE B 131 13.54 -12.75 3.01
CA ILE B 131 13.71 -12.54 1.57
C ILE B 131 12.96 -13.64 0.84
N VAL B 132 12.34 -13.29 -0.27
CA VAL B 132 11.73 -14.26 -1.16
C VAL B 132 12.36 -14.03 -2.53
N SER B 133 13.05 -15.06 -3.04
CA SER B 133 13.81 -14.91 -4.28
C SER B 133 12.89 -14.85 -5.49
N GLU B 134 13.10 -13.83 -6.34
CA GLU B 134 12.28 -13.65 -7.53
C GLU B 134 12.52 -14.75 -8.55
N GLU B 135 13.74 -15.30 -8.60
CA GLU B 135 14.02 -16.35 -9.57
C GLU B 135 13.74 -17.76 -9.03
N THR B 136 13.86 -17.98 -7.72
CA THR B 136 13.70 -19.33 -7.17
C THR B 136 12.39 -19.52 -6.42
N GLY B 137 11.91 -18.49 -5.72
CA GLY B 137 10.74 -18.59 -4.87
C GLY B 137 10.98 -19.15 -3.49
N ASP B 138 12.23 -19.33 -3.10
CA ASP B 138 12.58 -19.86 -1.79
C ASP B 138 12.61 -18.74 -0.75
N ILE B 139 12.46 -19.13 0.52
CA ILE B 139 12.38 -18.20 1.65
C ILE B 139 13.71 -18.20 2.41
N SER B 140 14.31 -17.03 2.57
CA SER B 140 15.54 -16.88 3.35
C SER B 140 15.35 -15.82 4.43
N VAL B 141 16.26 -15.86 5.40
CA VAL B 141 16.26 -15.03 6.60
C VAL B 141 17.69 -14.60 6.87
N THR B 142 17.87 -13.38 7.39
CA THR B 142 19.18 -12.90 7.82
C THR B 142 19.09 -12.23 9.18
N PHE B 143 20.06 -12.54 10.04
CA PHE B 143 20.24 -11.83 11.29
C PHE B 143 21.63 -12.15 11.82
N ASP B 144 22.21 -11.19 12.53
CA ASP B 144 23.53 -11.32 13.15
C ASP B 144 24.61 -11.67 12.12
N GLY B 145 24.53 -10.99 10.97
CA GLY B 145 25.51 -11.09 9.91
C GLY B 145 25.47 -12.33 9.04
N LYS B 146 24.69 -13.35 9.36
CA LYS B 146 24.67 -14.51 8.49
C LYS B 146 23.29 -14.71 7.87
N LEU B 147 23.29 -15.40 6.74
CA LEU B 147 22.11 -15.68 5.93
C LEU B 147 21.76 -17.15 6.09
N ARG B 148 20.47 -17.42 6.24
CA ARG B 148 19.97 -18.78 6.35
C ARG B 148 19.00 -18.99 5.19
N ARG B 149 19.19 -20.05 4.41
CA ARG B 149 18.61 -20.16 3.09
C ARG B 149 17.54 -21.24 3.00
N ASP B 150 16.48 -20.94 2.24
CA ASP B 150 15.38 -21.86 1.93
C ASP B 150 14.89 -22.62 3.17
N ILE B 151 14.40 -21.86 4.15
CA ILE B 151 13.76 -22.49 5.31
C ILE B 151 12.32 -22.82 4.95
N SER B 152 11.77 -23.83 5.64
CA SER B 152 10.38 -24.16 5.44
C SER B 152 9.46 -23.12 6.06
N ASN B 153 8.18 -23.18 5.66
CA ASN B 153 7.18 -22.24 6.18
C ASN B 153 6.99 -22.40 7.68
N GLU B 154 6.95 -23.64 8.16
CA GLU B 154 6.81 -23.89 9.59
C GLU B 154 7.96 -23.25 10.36
N ILE B 155 9.19 -23.41 9.85
CA ILE B 155 10.37 -22.83 10.49
C ILE B 155 10.35 -21.31 10.41
N PHE B 156 9.87 -20.76 9.29
CA PHE B 156 9.83 -19.32 9.14
C PHE B 156 8.93 -18.65 10.18
N GLU B 157 7.76 -19.22 10.46
CA GLU B 157 6.89 -18.64 11.47
C GLU B 157 7.51 -18.68 12.86
N GLU B 158 8.17 -19.79 13.19
CA GLU B 158 8.85 -19.94 14.48
C GLU B 158 9.89 -18.85 14.67
N LEU B 159 10.71 -18.60 13.65
CA LEU B 159 11.80 -17.63 13.81
C LEU B 159 11.28 -16.21 13.82
N LEU B 160 10.27 -15.91 12.97
CA LEU B 160 9.66 -14.59 12.94
C LEU B 160 9.08 -14.24 14.32
N ALA B 161 8.33 -15.17 14.91
CA ALA B 161 7.76 -14.90 16.23
C ALA B 161 8.85 -14.63 17.24
N GLU B 162 9.91 -15.47 17.23
CA GLU B 162 11.04 -15.33 18.14
C GLU B 162 11.64 -13.93 18.06
N HIS B 163 11.99 -13.49 16.85
CA HIS B 163 12.74 -12.24 16.62
C HIS B 163 11.86 -10.99 16.66
N TRP B 164 10.60 -11.11 16.26
CA TRP B 164 9.69 -9.95 16.24
C TRP B 164 9.19 -9.61 17.64
N PHE B 165 8.81 -10.61 18.44
CA PHE B 165 8.16 -10.35 19.72
C PHE B 165 8.88 -10.98 20.92
N GLY B 166 10.18 -11.25 20.80
CA GLY B 166 10.99 -11.66 21.95
C GLY B 166 10.61 -12.98 22.60
#